data_3S5P
#
_entry.id   3S5P
#
_cell.length_a   89.200
_cell.length_b   89.200
_cell.length_c   68.240
_cell.angle_alpha   90.000
_cell.angle_beta   90.000
_cell.angle_gamma   120.000
#
_symmetry.space_group_name_H-M   'P 31 2 1'
#
loop_
_entity.id
_entity.type
_entity.pdbx_description
1 polymer 'Ribose 5-phosphate isomerase'
2 non-polymer 'SULFATE ION'
3 water water
#
_entity_poly.entity_id   1
_entity_poly.type   'polypeptide(L)'
_entity_poly.pdbx_seq_one_letter_code
;MAHHHHHHMGTLEAQTQGPGSMKVAFASDHGGRDLRMFLQQRASAHGYEVMDLGTESDASVDYPDFAKIGCEAVTSGRAD
CCILVCGTGIGISIAANKMKGIRCALCSTEYDAEMARKHNNANALALGGRTTGPEVAASILSRFLSTNFEGGRHAARIAK
ISAMEE
;
_entity_poly.pdbx_strand_id   A,B
#
loop_
_chem_comp.id
_chem_comp.type
_chem_comp.name
_chem_comp.formula
SO4 non-polymer 'SULFATE ION' 'O4 S -2'
#
# COMPACT_ATOMS: atom_id res chain seq x y z
N PRO A 19 0.90 -2.05 -25.77
CA PRO A 19 -0.40 -2.45 -25.21
C PRO A 19 -0.78 -3.88 -25.61
N GLY A 20 -0.72 -4.17 -26.92
CA GLY A 20 -0.88 -5.54 -27.42
C GLY A 20 0.22 -6.48 -26.93
N SER A 21 1.37 -5.87 -26.59
CA SER A 21 2.60 -6.55 -26.12
C SER A 21 2.64 -6.92 -24.61
N MET A 22 1.66 -6.45 -23.83
CA MET A 22 1.75 -6.60 -22.38
C MET A 22 0.98 -7.78 -21.82
N LYS A 23 1.70 -8.59 -21.06
CA LYS A 23 1.16 -9.78 -20.41
C LYS A 23 0.78 -9.49 -18.95
N VAL A 24 -0.53 -9.48 -18.69
CA VAL A 24 -1.07 -9.18 -17.37
C VAL A 24 -1.69 -10.40 -16.67
N ALA A 25 -1.18 -10.76 -15.51
CA ALA A 25 -1.73 -11.88 -14.73
C ALA A 25 -2.75 -11.41 -13.70
N PHE A 26 -3.76 -12.24 -13.45
CA PHE A 26 -4.85 -11.90 -12.53
C PHE A 26 -5.09 -13.06 -11.56
N ALA A 27 -5.21 -12.74 -10.27
CA ALA A 27 -5.55 -13.75 -9.26
C ALA A 27 -6.45 -13.10 -8.21
N SER A 28 -7.31 -13.87 -7.57
CA SER A 28 -8.21 -13.30 -6.57
C SER A 28 -8.56 -14.29 -5.47
N ASP A 29 -8.99 -13.78 -4.31
CA ASP A 29 -9.55 -14.66 -3.26
C ASP A 29 -10.95 -15.14 -3.67
N HIS A 30 -11.59 -15.96 -2.83
CA HIS A 30 -12.89 -16.54 -3.16
C HIS A 30 -13.95 -15.45 -3.51
N GLY A 31 -14.03 -14.44 -2.63
CA GLY A 31 -15.04 -13.40 -2.80
C GLY A 31 -14.76 -12.47 -3.98
N GLY A 32 -13.53 -12.53 -4.51
CA GLY A 32 -13.04 -11.59 -5.53
C GLY A 32 -13.16 -12.02 -6.99
N ARG A 33 -13.84 -13.15 -7.24
CA ARG A 33 -13.99 -13.70 -8.59
C ARG A 33 -14.78 -12.80 -9.56
N ASP A 34 -15.91 -12.26 -9.12
CA ASP A 34 -16.69 -11.31 -9.94
C ASP A 34 -15.81 -10.16 -10.41
N LEU A 35 -15.24 -9.41 -9.47
CA LEU A 35 -14.33 -8.30 -9.80
C LEU A 35 -13.20 -8.76 -10.72
N ARG A 36 -12.58 -9.89 -10.41
CA ARG A 36 -11.43 -10.38 -11.19
C ARG A 36 -11.78 -10.55 -12.66
N MET A 37 -12.88 -11.28 -12.89
CA MET A 37 -13.43 -11.57 -14.21
C MET A 37 -13.81 -10.31 -14.95
N PHE A 38 -14.44 -9.40 -14.23
CA PHE A 38 -14.85 -8.13 -14.76
C PHE A 38 -13.60 -7.34 -15.25
N LEU A 39 -12.58 -7.22 -14.39
CA LEU A 39 -11.31 -6.54 -14.74
C LEU A 39 -10.59 -7.27 -15.86
N GLN A 40 -10.66 -8.60 -15.86
CA GLN A 40 -10.13 -9.41 -16.98
C GLN A 40 -10.76 -9.06 -18.33
N GLN A 41 -12.10 -9.02 -18.37
CA GLN A 41 -12.83 -8.62 -19.58
C GLN A 41 -12.38 -7.24 -20.07
N ARG A 42 -12.36 -6.27 -19.15
CA ARG A 42 -11.96 -4.89 -19.46
C ARG A 42 -10.53 -4.80 -20.02
N ALA A 43 -9.59 -5.53 -19.43
CA ALA A 43 -8.23 -5.55 -19.96
C ALA A 43 -8.12 -6.23 -21.33
N SER A 44 -8.89 -7.30 -21.55
CA SER A 44 -8.94 -7.97 -22.87
C SER A 44 -9.36 -7.01 -23.96
N ALA A 45 -10.40 -6.24 -23.67
CA ALA A 45 -11.04 -5.39 -24.68
C ALA A 45 -10.19 -4.14 -24.98
N HIS A 46 -9.22 -3.85 -24.11
CA HIS A 46 -8.29 -2.76 -24.35
C HIS A 46 -6.95 -3.29 -24.82
N GLY A 47 -6.96 -4.53 -25.32
CA GLY A 47 -5.84 -5.08 -26.08
C GLY A 47 -4.78 -5.81 -25.28
N TYR A 48 -4.96 -5.94 -23.96
CA TYR A 48 -3.94 -6.60 -23.11
C TYR A 48 -4.01 -8.13 -23.21
N GLU A 49 -2.87 -8.78 -23.02
CA GLU A 49 -2.83 -10.24 -23.00
C GLU A 49 -3.07 -10.68 -21.57
N VAL A 50 -4.27 -11.20 -21.32
CA VAL A 50 -4.71 -11.61 -19.99
C VAL A 50 -4.37 -13.06 -19.68
N MET A 51 -3.91 -13.24 -18.46
CA MET A 51 -3.64 -14.55 -17.90
C MET A 51 -4.41 -14.67 -16.59
N ASP A 52 -5.48 -15.43 -16.67
CA ASP A 52 -6.33 -15.74 -15.54
C ASP A 52 -5.67 -16.89 -14.82
N LEU A 53 -5.21 -16.64 -13.60
CA LEU A 53 -4.54 -17.67 -12.83
C LEU A 53 -5.48 -18.35 -11.86
N GLY A 54 -6.57 -17.67 -11.52
CA GLY A 54 -7.63 -18.32 -10.75
C GLY A 54 -7.89 -17.83 -9.33
N THR A 55 -8.85 -18.53 -8.70
CA THR A 55 -9.47 -18.18 -7.42
C THR A 55 -8.84 -18.95 -6.25
N PRO A 64 -2.71 -17.69 1.88
CA PRO A 64 -2.65 -16.78 0.73
C PRO A 64 -1.93 -17.39 -0.47
N ASP A 65 -2.46 -18.53 -0.93
CA ASP A 65 -1.93 -19.21 -2.12
C ASP A 65 -1.98 -18.31 -3.37
N PHE A 66 -3.13 -17.68 -3.61
CA PHE A 66 -3.38 -16.93 -4.86
C PHE A 66 -2.46 -15.71 -5.07
N ALA A 67 -1.89 -15.18 -3.99
CA ALA A 67 -0.94 -14.09 -4.09
C ALA A 67 0.45 -14.60 -4.48
N LYS A 68 0.94 -15.62 -3.77
CA LYS A 68 2.22 -16.24 -4.14
C LYS A 68 2.14 -16.59 -5.62
N ILE A 69 1.02 -17.16 -6.03
CA ILE A 69 0.76 -17.58 -7.41
C ILE A 69 0.78 -16.42 -8.41
N GLY A 70 0.04 -15.34 -8.11
CA GLY A 70 0.07 -14.14 -8.95
C GLY A 70 1.49 -13.61 -9.09
N CYS A 71 2.19 -13.50 -7.98
CA CYS A 71 3.49 -12.84 -7.97
C CYS A 71 4.49 -13.68 -8.72
N GLU A 72 4.31 -14.99 -8.69
CA GLU A 72 5.30 -15.89 -9.28
C GLU A 72 5.27 -15.84 -10.80
N ALA A 73 4.12 -15.44 -11.35
CA ALA A 73 4.02 -15.22 -12.81
C ALA A 73 4.93 -14.05 -13.22
N VAL A 74 5.06 -13.07 -12.33
CA VAL A 74 5.90 -11.91 -12.58
C VAL A 74 7.37 -12.27 -12.37
N THR A 75 7.68 -12.91 -11.24
CA THR A 75 9.09 -13.14 -10.90
C THR A 75 9.74 -14.19 -11.81
N SER A 76 8.92 -15.00 -12.47
CA SER A 76 9.42 -16.00 -13.40
C SER A 76 9.52 -15.46 -14.85
N GLY A 77 9.03 -14.26 -15.08
CA GLY A 77 9.14 -13.70 -16.43
C GLY A 77 7.96 -13.99 -17.35
N ARG A 78 6.92 -14.63 -16.80
CA ARG A 78 5.74 -15.04 -17.58
C ARG A 78 4.73 -13.90 -17.74
N ALA A 79 4.66 -13.01 -16.74
CA ALA A 79 3.79 -11.86 -16.87
C ALA A 79 4.56 -10.55 -16.63
N ASP A 80 4.08 -9.46 -17.21
CA ASP A 80 4.72 -8.15 -16.99
C ASP A 80 4.35 -7.63 -15.62
N CYS A 81 3.11 -7.86 -15.22
CA CYS A 81 2.63 -7.45 -13.87
C CYS A 81 1.50 -8.39 -13.48
N CYS A 82 1.08 -8.30 -12.22
CA CYS A 82 -0.03 -9.11 -11.73
C CYS A 82 -1.03 -8.25 -10.99
N ILE A 83 -2.31 -8.57 -11.16
CA ILE A 83 -3.37 -7.84 -10.51
C ILE A 83 -3.98 -8.77 -9.47
N LEU A 84 -4.09 -8.30 -8.23
CA LEU A 84 -4.54 -9.13 -7.16
C LEU A 84 -5.79 -8.56 -6.46
N VAL A 85 -6.92 -9.24 -6.67
CA VAL A 85 -8.21 -8.86 -6.09
C VAL A 85 -8.38 -9.58 -4.74
N CYS A 86 -8.48 -8.76 -3.71
CA CYS A 86 -8.49 -9.22 -2.33
C CYS A 86 -9.72 -8.67 -1.56
N GLY A 87 -9.75 -8.82 -0.23
CA GLY A 87 -10.81 -8.23 0.58
C GLY A 87 -10.60 -6.72 0.66
N THR A 88 -9.54 -6.30 1.36
CA THR A 88 -9.12 -4.90 1.42
C THR A 88 -7.90 -4.66 0.53
N GLY A 89 -7.11 -5.69 0.33
CA GLY A 89 -5.84 -5.51 -0.41
C GLY A 89 -4.68 -5.40 0.54
N ILE A 90 -4.99 -5.14 1.81
CA ILE A 90 -3.94 -4.80 2.78
C ILE A 90 -3.07 -5.99 3.07
N GLY A 91 -3.68 -7.13 3.43
CA GLY A 91 -2.91 -8.32 3.79
C GLY A 91 -2.13 -8.86 2.60
N ILE A 92 -2.72 -8.78 1.41
CA ILE A 92 -2.05 -9.23 0.20
C ILE A 92 -0.89 -8.31 -0.18
N SER A 93 -1.07 -7.00 0.01
CA SER A 93 0.00 -6.12 -0.37
C SER A 93 1.19 -6.31 0.58
N ILE A 94 0.91 -6.56 1.85
CA ILE A 94 1.96 -6.83 2.81
C ILE A 94 2.71 -8.11 2.40
N ALA A 95 1.97 -9.19 2.14
CA ALA A 95 2.62 -10.47 1.84
C ALA A 95 3.34 -10.38 0.49
N ALA A 96 2.73 -9.70 -0.49
CA ALA A 96 3.33 -9.58 -1.81
C ALA A 96 4.62 -8.78 -1.73
N ASN A 97 4.58 -7.66 -1.02
CA ASN A 97 5.82 -6.90 -0.83
C ASN A 97 6.92 -7.62 -0.07
N LYS A 98 6.59 -8.68 0.70
CA LYS A 98 7.63 -9.50 1.37
C LYS A 98 8.40 -10.39 0.37
N MET A 99 7.93 -10.47 -0.86
CA MET A 99 8.66 -11.27 -1.84
C MET A 99 9.70 -10.43 -2.61
N LYS A 100 10.88 -11.01 -2.78
CA LYS A 100 11.94 -10.34 -3.51
C LYS A 100 11.47 -10.01 -4.93
N GLY A 101 11.79 -8.80 -5.41
CA GLY A 101 11.47 -8.46 -6.79
C GLY A 101 10.02 -8.15 -7.09
N ILE A 102 9.20 -8.05 -6.06
CA ILE A 102 7.80 -7.66 -6.16
C ILE A 102 7.58 -6.32 -5.47
N ARG A 103 6.91 -5.42 -6.18
CA ARG A 103 6.54 -4.14 -5.65
C ARG A 103 5.03 -3.98 -5.83
N CYS A 104 4.30 -4.11 -4.73
CA CYS A 104 2.87 -4.17 -4.77
C CYS A 104 2.26 -2.88 -4.22
N ALA A 105 1.41 -2.31 -5.06
CA ALA A 105 0.79 -1.02 -4.81
C ALA A 105 -0.69 -1.28 -4.51
N LEU A 106 -1.12 -0.94 -3.30
CA LEU A 106 -2.55 -0.93 -2.99
C LEU A 106 -3.08 0.47 -3.30
N CYS A 107 -3.93 0.55 -4.32
CA CYS A 107 -4.34 1.83 -4.88
C CYS A 107 -5.82 2.06 -4.68
N SER A 108 -6.24 3.31 -4.39
CA SER A 108 -7.68 3.54 -4.32
C SER A 108 -8.10 4.67 -5.24
N THR A 109 -7.13 5.23 -5.99
CA THR A 109 -7.43 6.26 -6.98
C THR A 109 -6.60 6.01 -8.18
N GLU A 110 -6.96 6.63 -9.30
CA GLU A 110 -6.15 6.56 -10.53
C GLU A 110 -4.78 7.23 -10.34
N TYR A 111 -4.75 8.28 -9.54
CA TYR A 111 -3.50 8.96 -9.20
C TYR A 111 -2.50 8.04 -8.45
N ASP A 112 -2.96 7.36 -7.40
CA ASP A 112 -2.23 6.26 -6.76
C ASP A 112 -1.61 5.32 -7.82
N ALA A 113 -2.44 4.84 -8.75
CA ALA A 113 -1.97 3.93 -9.81
C ALA A 113 -0.89 4.53 -10.68
N GLU A 114 -1.10 5.77 -11.09
CA GLU A 114 -0.13 6.54 -11.84
C GLU A 114 1.18 6.69 -11.05
N MET A 115 1.11 7.06 -9.78
CA MET A 115 2.36 7.22 -9.02
C MET A 115 3.02 5.87 -8.74
N ALA A 116 2.23 4.83 -8.48
CA ALA A 116 2.79 3.46 -8.27
C ALA A 116 3.69 3.01 -9.40
N ARG A 117 3.35 3.36 -10.62
CA ARG A 117 4.17 3.02 -11.77
CA ARG A 117 4.18 3.02 -11.77
C ARG A 117 5.29 4.04 -11.96
N LYS A 118 4.92 5.32 -12.10
CA LYS A 118 5.87 6.37 -12.39
C LYS A 118 7.06 6.41 -11.42
N HIS A 119 6.76 6.43 -10.13
CA HIS A 119 7.75 6.67 -9.08
C HIS A 119 8.20 5.37 -8.42
N ASN A 120 7.29 4.38 -8.32
CA ASN A 120 7.59 3.19 -7.49
C ASN A 120 7.86 1.91 -8.27
N ASN A 121 7.67 1.95 -9.58
CA ASN A 121 7.91 0.78 -10.43
C ASN A 121 7.14 -0.46 -9.95
N ALA A 122 5.90 -0.28 -9.55
CA ALA A 122 5.10 -1.38 -9.05
C ALA A 122 4.90 -2.37 -10.20
N ASN A 123 5.01 -3.66 -9.90
CA ASN A 123 4.68 -4.69 -10.86
C ASN A 123 3.53 -5.56 -10.34
N ALA A 124 2.91 -5.16 -9.23
CA ALA A 124 1.72 -5.84 -8.72
C ALA A 124 0.76 -4.77 -8.28
N LEU A 125 -0.52 -4.94 -8.62
CA LEU A 125 -1.54 -4.03 -8.15
C LEU A 125 -2.44 -4.82 -7.22
N ALA A 126 -2.68 -4.30 -6.01
CA ALA A 126 -3.66 -4.89 -5.11
C ALA A 126 -4.92 -4.07 -5.11
N LEU A 127 -6.06 -4.75 -5.25
CA LEU A 127 -7.36 -4.09 -5.15
C LEU A 127 -8.24 -4.73 -4.08
N GLY A 128 -9.00 -3.93 -3.35
CA GLY A 128 -9.89 -4.44 -2.31
C GLY A 128 -11.30 -4.53 -2.86
N GLY A 129 -11.75 -5.75 -3.19
CA GLY A 129 -13.13 -5.99 -3.68
C GLY A 129 -14.20 -5.52 -2.68
N ARG A 130 -13.88 -5.56 -1.39
CA ARG A 130 -14.83 -5.14 -0.36
C ARG A 130 -14.84 -3.61 -0.18
N THR A 131 -13.83 -2.93 -0.72
CA THR A 131 -13.65 -1.49 -0.44
C THR A 131 -13.72 -0.63 -1.70
N THR A 132 -13.55 -1.24 -2.86
CA THR A 132 -13.48 -0.50 -4.11
C THR A 132 -14.54 -0.96 -5.07
N GLY A 133 -15.25 0.00 -5.65
CA GLY A 133 -16.32 -0.25 -6.58
C GLY A 133 -15.76 -0.70 -7.90
N PRO A 134 -16.54 -1.51 -8.64
CA PRO A 134 -16.03 -2.08 -9.87
C PRO A 134 -15.52 -1.06 -10.92
N GLU A 135 -16.18 0.09 -11.05
CA GLU A 135 -15.80 1.05 -12.08
C GLU A 135 -14.54 1.81 -11.67
N VAL A 136 -14.40 2.09 -10.38
CA VAL A 136 -13.17 2.71 -9.87
C VAL A 136 -12.01 1.73 -9.96
N ALA A 137 -12.26 0.45 -9.68
CA ALA A 137 -11.23 -0.56 -9.78
C ALA A 137 -10.75 -0.70 -11.23
N ALA A 138 -11.69 -0.64 -12.18
CA ALA A 138 -11.30 -0.71 -13.61
C ALA A 138 -10.51 0.52 -14.04
N SER A 139 -10.81 1.69 -13.49
CA SER A 139 -10.10 2.89 -13.98
C SER A 139 -8.72 3.00 -13.33
N ILE A 140 -8.55 2.39 -12.16
CA ILE A 140 -7.26 2.23 -11.48
C ILE A 140 -6.37 1.28 -12.26
N LEU A 141 -6.93 0.11 -12.59
CA LEU A 141 -6.28 -0.87 -13.40
C LEU A 141 -5.82 -0.24 -14.73
N SER A 142 -6.74 0.42 -15.43
CA SER A 142 -6.41 0.99 -16.73
C SER A 142 -5.25 2.00 -16.63
N ARG A 143 -5.22 2.81 -15.58
CA ARG A 143 -4.11 3.76 -15.39
C ARG A 143 -2.82 3.04 -14.97
N PHE A 144 -2.95 2.01 -14.14
CA PHE A 144 -1.80 1.17 -13.77
C PHE A 144 -1.15 0.54 -15.03
N LEU A 145 -1.97 0.07 -15.98
CA LEU A 145 -1.43 -0.70 -17.12
C LEU A 145 -0.82 0.20 -18.18
N SER A 146 -1.25 1.46 -18.22
CA SER A 146 -0.78 2.35 -19.29
C SER A 146 0.28 3.35 -18.85
N THR A 147 0.66 3.36 -17.57
CA THR A 147 1.67 4.29 -17.07
C THR A 147 2.99 3.54 -17.00
N ASN A 148 4.05 4.15 -17.53
CA ASN A 148 5.41 3.59 -17.45
C ASN A 148 6.22 4.12 -16.25
N PHE A 149 7.11 3.29 -15.72
CA PHE A 149 8.06 3.71 -14.69
C PHE A 149 8.99 4.80 -15.25
N GLU A 150 9.28 5.82 -14.43
CA GLU A 150 10.30 6.85 -14.76
C GLU A 150 11.69 6.39 -14.24
N GLY A 151 12.22 5.31 -14.82
CA GLY A 151 13.51 4.78 -14.43
C GLY A 151 14.65 5.78 -14.46
N GLY A 152 14.65 6.61 -15.52
CA GLY A 152 15.66 7.66 -15.77
C GLY A 152 16.02 8.55 -14.58
N ARG A 153 15.04 9.22 -13.99
CA ARG A 153 15.28 10.11 -12.85
C ARG A 153 15.81 9.37 -11.63
N HIS A 154 15.38 8.14 -11.41
CA HIS A 154 15.79 7.36 -10.23
C HIS A 154 17.20 6.78 -10.44
N ALA A 155 17.50 6.41 -11.70
CA ALA A 155 18.74 5.75 -12.10
C ALA A 155 20.00 6.39 -11.50
N ALA A 156 20.10 7.72 -11.55
CA ALA A 156 21.30 8.41 -11.11
C ALA A 156 21.31 8.90 -9.65
N ARG A 157 20.18 8.78 -8.95
CA ARG A 157 20.16 9.08 -7.52
C ARG A 157 21.24 8.26 -6.82
N ILE A 158 21.92 8.88 -5.86
CA ILE A 158 23.04 8.25 -5.16
C ILE A 158 22.59 7.79 -3.77
N ALA A 159 22.67 6.48 -3.58
CA ALA A 159 22.31 5.83 -2.31
C ALA A 159 23.39 6.01 -1.24
N LYS A 160 22.93 5.96 0.03
CA LYS A 160 23.73 6.21 1.26
C LYS A 160 23.86 7.70 1.58
N PRO B 19 -4.23 3.98 26.11
CA PRO B 19 -3.65 4.95 25.17
C PRO B 19 -2.44 5.65 25.80
N GLY B 20 -2.55 5.95 27.10
CA GLY B 20 -1.41 6.46 27.90
C GLY B 20 -0.26 5.46 27.94
N SER B 21 -0.58 4.17 27.78
CA SER B 21 0.43 3.10 27.64
C SER B 21 1.16 3.11 26.27
N MET B 22 0.40 3.31 25.18
CA MET B 22 0.87 3.13 23.80
C MET B 22 1.80 4.23 23.23
N LYS B 23 3.01 3.83 22.83
CA LYS B 23 3.98 4.76 22.27
C LYS B 23 3.86 4.74 20.77
N VAL B 24 3.57 5.91 20.19
CA VAL B 24 3.25 6.02 18.78
C VAL B 24 4.28 6.88 18.07
N ALA B 25 5.02 6.29 17.13
CA ALA B 25 6.08 7.00 16.45
C ALA B 25 5.54 7.59 15.15
N PHE B 26 6.00 8.77 14.77
CA PHE B 26 5.60 9.43 13.50
C PHE B 26 6.85 9.88 12.73
N ALA B 27 6.78 9.83 11.41
CA ALA B 27 7.88 10.35 10.58
C ALA B 27 7.22 10.77 9.28
N SER B 28 7.79 11.73 8.57
CA SER B 28 7.20 12.15 7.33
C SER B 28 8.30 12.58 6.37
N ASP B 29 7.96 12.70 5.09
CA ASP B 29 8.82 13.43 4.16
C ASP B 29 8.66 14.93 4.42
N HIS B 30 9.40 15.74 3.67
CA HIS B 30 9.31 17.21 3.73
C HIS B 30 7.87 17.76 3.51
N GLY B 31 7.23 17.36 2.41
CA GLY B 31 5.85 17.75 2.15
C GLY B 31 4.87 17.37 3.24
N GLY B 32 5.17 16.35 4.02
CA GLY B 32 4.20 15.82 4.98
C GLY B 32 4.29 16.32 6.41
N ARG B 33 5.21 17.22 6.66
CA ARG B 33 5.44 17.73 8.02
C ARG B 33 4.18 18.34 8.71
N ASP B 34 3.55 19.30 8.05
CA ASP B 34 2.34 19.89 8.56
C ASP B 34 1.29 18.84 8.98
N LEU B 35 0.98 17.90 8.10
CA LEU B 35 -0.06 16.89 8.39
C LEU B 35 0.41 15.97 9.52
N ARG B 36 1.67 15.57 9.48
CA ARG B 36 2.26 14.78 10.55
C ARG B 36 2.07 15.45 11.91
N MET B 37 2.36 16.75 11.99
CA MET B 37 2.23 17.42 13.27
C MET B 37 0.74 17.51 13.71
N PHE B 38 -0.12 17.70 12.72
CA PHE B 38 -1.55 17.73 12.99
C PHE B 38 -1.96 16.38 13.61
N LEU B 39 -1.47 15.30 13.00
CA LEU B 39 -1.81 13.96 13.46
C LEU B 39 -1.23 13.67 14.85
N GLN B 40 -0.01 14.09 15.09
CA GLN B 40 0.62 14.01 16.42
C GLN B 40 -0.22 14.70 17.50
N GLN B 41 -0.76 15.86 17.16
CA GLN B 41 -1.54 16.62 18.11
C GLN B 41 -2.89 15.98 18.39
N ARG B 42 -3.57 15.44 17.38
CA ARG B 42 -4.72 14.58 17.60
C ARG B 42 -4.32 13.34 18.42
N ALA B 43 -3.20 12.71 18.14
CA ALA B 43 -2.81 11.57 18.96
C ALA B 43 -2.59 11.99 20.45
N SER B 44 -1.83 13.08 20.68
CA SER B 44 -1.60 13.55 22.07
C SER B 44 -2.88 13.89 22.79
N ALA B 45 -3.80 14.52 22.07
CA ALA B 45 -5.05 15.00 22.66
C ALA B 45 -5.97 13.84 23.04
N HIS B 46 -5.76 12.66 22.43
CA HIS B 46 -6.51 11.46 22.83
C HIS B 46 -5.73 10.52 23.77
N GLY B 47 -4.66 11.04 24.35
CA GLY B 47 -3.86 10.34 25.36
C GLY B 47 -2.65 9.55 24.88
N TYR B 48 -2.43 9.44 23.59
CA TYR B 48 -1.27 8.68 23.12
C TYR B 48 0.08 9.36 23.43
N GLU B 49 1.09 8.53 23.69
CA GLU B 49 2.45 9.00 23.83
C GLU B 49 3.08 9.17 22.45
N VAL B 50 3.35 10.41 22.08
CA VAL B 50 3.91 10.72 20.77
C VAL B 50 5.45 10.71 20.71
N MET B 51 5.99 9.90 19.81
CA MET B 51 7.41 9.94 19.46
C MET B 51 7.61 10.61 18.08
N ASP B 52 7.76 11.94 18.06
CA ASP B 52 7.99 12.64 16.80
C ASP B 52 9.43 12.37 16.34
N LEU B 53 9.57 11.57 15.29
CA LEU B 53 10.87 11.19 14.74
C LEU B 53 11.42 12.17 13.69
N GLY B 54 10.66 13.21 13.39
CA GLY B 54 11.19 14.29 12.53
C GLY B 54 10.86 14.15 11.05
N THR B 55 11.58 14.91 10.24
CA THR B 55 11.23 15.20 8.85
C THR B 55 12.42 14.92 7.93
N GLU B 56 12.24 14.05 6.93
CA GLU B 56 13.26 13.89 5.88
C GLU B 56 13.48 15.20 5.13
N PRO B 64 13.30 5.56 1.98
CA PRO B 64 14.69 5.90 2.29
C PRO B 64 14.89 6.40 3.74
N ASP B 65 15.29 7.67 3.93
CA ASP B 65 15.62 8.21 5.26
C ASP B 65 14.55 7.87 6.33
N PHE B 66 13.41 8.55 6.28
CA PHE B 66 12.38 8.38 7.31
C PHE B 66 11.68 6.98 7.28
N ALA B 67 12.33 6.01 6.62
CA ALA B 67 11.75 4.68 6.40
C ALA B 67 12.20 3.69 7.46
N LYS B 68 13.45 3.24 7.32
CA LYS B 68 14.22 2.57 8.36
C LYS B 68 13.97 3.21 9.72
N ILE B 69 13.88 4.54 9.77
CA ILE B 69 13.79 5.26 11.03
C ILE B 69 12.47 5.02 11.78
N GLY B 70 11.35 5.08 11.08
CA GLY B 70 10.07 4.80 11.70
C GLY B 70 9.94 3.34 12.07
N CYS B 71 10.32 2.47 11.14
CA CYS B 71 10.24 1.03 11.35
C CYS B 71 11.17 0.50 12.44
N GLU B 72 12.30 1.17 12.64
CA GLU B 72 13.27 0.66 13.62
C GLU B 72 12.86 0.96 15.05
N ALA B 73 12.11 2.04 15.23
CA ALA B 73 11.50 2.35 16.51
C ALA B 73 10.57 1.20 16.93
N VAL B 74 9.87 0.61 15.96
CA VAL B 74 8.94 -0.50 16.23
C VAL B 74 9.65 -1.82 16.47
N THR B 75 10.63 -2.16 15.64
CA THR B 75 11.23 -3.48 15.71
C THR B 75 12.13 -3.65 16.94
N SER B 76 12.74 -2.53 17.38
CA SER B 76 13.62 -2.48 18.54
C SER B 76 12.86 -2.26 19.86
N GLY B 77 11.54 -2.12 19.77
CA GLY B 77 10.67 -2.18 20.92
C GLY B 77 10.42 -0.84 21.55
N ARG B 78 11.06 0.19 20.99
CA ARG B 78 10.94 1.57 21.48
C ARG B 78 9.58 2.19 21.21
N ALA B 79 8.82 1.66 20.27
CA ALA B 79 7.49 2.21 19.93
C ALA B 79 6.58 1.08 19.55
N ASP B 80 5.29 1.23 19.86
CA ASP B 80 4.34 0.15 19.58
C ASP B 80 3.95 0.12 18.11
N CYS B 81 3.74 1.30 17.50
CA CYS B 81 3.56 1.39 16.05
C CYS B 81 4.18 2.68 15.53
N CYS B 82 4.42 2.71 14.22
CA CYS B 82 4.84 3.93 13.57
C CYS B 82 3.84 4.37 12.51
N ILE B 83 3.62 5.68 12.43
CA ILE B 83 2.73 6.30 11.45
C ILE B 83 3.61 7.02 10.45
N LEU B 84 3.60 6.57 9.19
CA LEU B 84 4.50 7.16 8.18
C LEU B 84 3.71 8.03 7.18
N VAL B 85 4.06 9.31 7.10
CA VAL B 85 3.33 10.26 6.25
C VAL B 85 4.17 10.66 5.04
N CYS B 86 3.64 10.30 3.87
CA CYS B 86 4.33 10.25 2.59
C CYS B 86 3.58 11.02 1.50
N GLY B 87 4.04 10.90 0.27
CA GLY B 87 3.31 11.49 -0.86
C GLY B 87 1.99 10.77 -1.04
N THR B 88 2.03 9.57 -1.62
CA THR B 88 0.83 8.72 -1.77
C THR B 88 0.78 7.60 -0.72
N GLY B 89 1.92 7.33 -0.10
CA GLY B 89 2.04 6.23 0.87
C GLY B 89 2.49 4.94 0.20
N ILE B 90 2.48 4.91 -1.12
CA ILE B 90 2.70 3.63 -1.81
C ILE B 90 4.15 3.19 -1.76
N GLY B 91 5.05 4.14 -2.04
CA GLY B 91 6.50 3.87 -2.04
C GLY B 91 6.95 3.45 -0.67
N ILE B 92 6.41 4.13 0.36
CA ILE B 92 6.77 3.89 1.76
C ILE B 92 6.18 2.58 2.26
N SER B 93 4.94 2.30 1.89
CA SER B 93 4.36 1.02 2.24
C SER B 93 5.15 -0.13 1.64
N ILE B 94 5.58 0.01 0.40
CA ILE B 94 6.41 -1.01 -0.21
C ILE B 94 7.71 -1.22 0.57
N ALA B 95 8.42 -0.14 0.86
CA ALA B 95 9.68 -0.19 1.60
C ALA B 95 9.55 -0.69 3.04
N ALA B 96 8.53 -0.21 3.75
CA ALA B 96 8.27 -0.60 5.13
C ALA B 96 8.04 -2.11 5.19
N ASN B 97 7.15 -2.61 4.34
CA ASN B 97 6.88 -4.05 4.27
C ASN B 97 8.07 -4.91 3.85
N LYS B 98 9.06 -4.31 3.19
CA LYS B 98 10.25 -5.06 2.84
C LYS B 98 11.21 -5.24 4.02
N MET B 99 10.80 -4.73 5.19
CA MET B 99 11.58 -4.88 6.41
C MET B 99 11.02 -5.94 7.32
N LYS B 100 11.92 -6.70 7.94
CA LYS B 100 11.56 -7.80 8.81
C LYS B 100 10.78 -7.31 10.00
N GLY B 101 9.66 -7.96 10.29
CA GLY B 101 8.87 -7.61 11.49
C GLY B 101 7.92 -6.43 11.34
N ILE B 102 7.82 -5.90 10.12
CA ILE B 102 6.93 -4.78 9.83
C ILE B 102 5.78 -5.29 9.00
N ARG B 103 4.57 -4.91 9.40
CA ARG B 103 3.37 -5.12 8.61
C ARG B 103 2.72 -3.75 8.44
N CYS B 104 2.84 -3.21 7.23
CA CYS B 104 2.47 -1.84 6.94
C CYS B 104 1.20 -1.79 6.12
N ALA B 105 0.21 -1.13 6.68
CA ALA B 105 -1.05 -0.96 6.02
C ALA B 105 -1.11 0.41 5.37
N LEU B 106 -1.48 0.45 4.10
CA LEU B 106 -1.76 1.74 3.47
C LEU B 106 -3.27 1.85 3.37
N CYS B 107 -3.84 2.82 4.09
CA CYS B 107 -5.28 2.95 4.28
C CYS B 107 -5.81 4.23 3.72
N SER B 108 -7.01 4.15 3.13
CA SER B 108 -7.68 5.35 2.60
C SER B 108 -9.08 5.46 3.19
N THR B 109 -9.50 4.46 3.97
CA THR B 109 -10.74 4.57 4.76
C THR B 109 -10.56 4.02 6.17
N GLU B 110 -11.49 4.32 7.05
CA GLU B 110 -11.48 3.82 8.42
C GLU B 110 -11.66 2.31 8.44
N TYR B 111 -12.50 1.80 7.55
CA TYR B 111 -12.67 0.36 7.40
C TYR B 111 -11.33 -0.33 7.11
N ASP B 112 -10.54 0.22 6.19
CA ASP B 112 -9.19 -0.30 5.92
C ASP B 112 -8.37 -0.42 7.19
N ALA B 113 -8.32 0.67 7.96
CA ALA B 113 -7.50 0.72 9.16
C ALA B 113 -8.01 -0.28 10.22
N GLU B 114 -9.32 -0.39 10.32
CA GLU B 114 -10.00 -1.35 11.17
C GLU B 114 -9.57 -2.77 10.77
N MET B 115 -9.56 -3.08 9.49
CA MET B 115 -9.17 -4.39 9.03
C MET B 115 -7.68 -4.63 9.18
N ALA B 116 -6.88 -3.63 8.80
CA ALA B 116 -5.42 -3.69 8.98
C ALA B 116 -4.98 -4.22 10.36
N ARG B 117 -5.67 -3.76 11.41
CA ARG B 117 -5.40 -4.19 12.76
C ARG B 117 -6.11 -5.53 13.07
N LYS B 118 -7.44 -5.58 12.96
CA LYS B 118 -8.18 -6.79 13.35
C LYS B 118 -7.68 -8.03 12.61
N HIS B 119 -7.46 -7.91 11.30
CA HIS B 119 -7.06 -9.06 10.50
C HIS B 119 -5.57 -9.18 10.25
N ASN B 120 -4.86 -8.05 10.10
CA ASN B 120 -3.47 -8.14 9.67
C ASN B 120 -2.45 -7.78 10.75
N ASN B 121 -2.91 -7.50 11.97
CA ASN B 121 -2.01 -7.09 13.05
C ASN B 121 -0.96 -6.09 12.55
N ALA B 122 -1.39 -5.09 11.78
CA ALA B 122 -0.47 -4.10 11.24
C ALA B 122 0.26 -3.35 12.37
N ASN B 123 1.55 -3.05 12.20
CA ASN B 123 2.22 -2.26 13.22
C ASN B 123 2.72 -0.95 12.63
N ALA B 124 2.41 -0.72 11.36
CA ALA B 124 2.77 0.53 10.67
C ALA B 124 1.66 0.97 9.75
N LEU B 125 1.36 2.27 9.80
CA LEU B 125 0.35 2.87 8.94
C LEU B 125 1.06 3.85 8.00
N ALA B 126 0.91 3.61 6.69
CA ALA B 126 1.35 4.59 5.68
C ALA B 126 0.16 5.48 5.31
N LEU B 127 0.37 6.80 5.33
CA LEU B 127 -0.64 7.74 4.88
C LEU B 127 -0.06 8.63 3.80
N GLY B 128 -0.88 8.97 2.80
CA GLY B 128 -0.45 9.81 1.71
C GLY B 128 -0.97 11.22 1.94
N GLY B 129 -0.11 12.13 2.35
CA GLY B 129 -0.48 13.54 2.41
C GLY B 129 -0.94 14.18 1.09
N ARG B 130 -0.43 13.70 -0.04
CA ARG B 130 -0.84 14.26 -1.33
C ARG B 130 -2.20 13.72 -1.78
N THR B 131 -2.68 12.66 -1.11
CA THR B 131 -3.87 11.91 -1.56
C THR B 131 -5.05 11.83 -0.59
N THR B 132 -4.80 12.10 0.69
CA THR B 132 -5.82 11.96 1.72
C THR B 132 -6.02 13.31 2.44
N GLY B 133 -7.27 13.76 2.57
CA GLY B 133 -7.54 14.96 3.38
C GLY B 133 -7.14 14.73 4.83
N PRO B 134 -6.78 15.82 5.53
CA PRO B 134 -6.34 15.79 6.94
C PRO B 134 -7.33 15.12 7.89
N GLU B 135 -8.61 15.48 7.76
CA GLU B 135 -9.63 14.96 8.67
C GLU B 135 -9.84 13.47 8.43
N VAL B 136 -9.76 13.05 7.18
CA VAL B 136 -9.77 11.65 6.82
C VAL B 136 -8.51 10.89 7.29
N ALA B 137 -7.33 11.49 7.11
CA ALA B 137 -6.13 10.91 7.69
C ALA B 137 -6.30 10.77 9.22
N ALA B 138 -6.84 11.81 9.87
CA ALA B 138 -7.08 11.74 11.33
C ALA B 138 -8.06 10.64 11.73
N SER B 139 -9.14 10.45 10.98
CA SER B 139 -10.10 9.43 11.41
C SER B 139 -9.54 8.02 11.11
N ILE B 140 -8.72 7.92 10.06
CA ILE B 140 -8.00 6.66 9.77
C ILE B 140 -6.99 6.34 10.89
N LEU B 141 -6.19 7.34 11.28
CA LEU B 141 -5.24 7.21 12.39
C LEU B 141 -5.96 6.76 13.66
N SER B 142 -7.05 7.45 13.99
CA SER B 142 -7.81 7.21 15.23
C SER B 142 -8.27 5.75 15.31
N ARG B 143 -8.87 5.26 14.23
CA ARG B 143 -9.30 3.87 14.12
C ARG B 143 -8.15 2.84 14.14
N PHE B 144 -7.05 3.14 13.50
CA PHE B 144 -5.88 2.29 13.55
C PHE B 144 -5.40 2.10 15.00
N LEU B 145 -5.34 3.21 15.73
CA LEU B 145 -4.78 3.21 17.07
C LEU B 145 -5.65 2.50 18.09
N SER B 146 -6.97 2.50 17.87
CA SER B 146 -7.90 1.93 18.85
C SER B 146 -8.35 0.50 18.54
N THR B 147 -8.05 -0.01 17.35
CA THR B 147 -8.47 -1.36 17.00
C THR B 147 -7.46 -2.37 17.46
N ASN B 148 -7.92 -3.38 18.18
CA ASN B 148 -7.06 -4.45 18.61
C ASN B 148 -7.00 -5.55 17.56
N PHE B 149 -5.89 -6.28 17.54
CA PHE B 149 -5.74 -7.46 16.68
C PHE B 149 -6.53 -8.61 17.29
N GLU B 150 -7.21 -9.40 16.45
CA GLU B 150 -7.92 -10.59 16.89
C GLU B 150 -6.96 -11.75 17.19
S SO4 C . -6.53 -8.90 2.51
O1 SO4 C . -6.23 -8.43 3.89
O2 SO4 C . -7.96 -8.59 2.26
O3 SO4 C . -5.78 -8.38 1.35
O4 SO4 C . -6.27 -10.35 2.50
S SO4 D . 8.30 -10.31 8.35
O1 SO4 D . 9.11 -10.87 9.44
O2 SO4 D . 9.12 -9.39 7.57
O3 SO4 D . 7.87 -11.40 7.48
O4 SO4 D . 7.12 -9.63 8.88
S SO4 E . 10.99 18.60 12.81
O1 SO4 E . 10.45 19.72 13.57
O2 SO4 E . 10.93 18.88 11.39
O3 SO4 E . 12.42 18.34 13.05
O4 SO4 E . 10.27 17.44 13.23
S SO4 F . 5.30 7.74 -2.93
O1 SO4 F . 5.27 7.18 -1.54
O2 SO4 F . 4.29 7.34 -3.92
O3 SO4 F . 5.18 9.19 -2.77
O4 SO4 F . 6.56 7.42 -3.60
S SO4 G . -7.10 20.83 15.71
O1 SO4 G . -6.42 22.00 15.13
O2 SO4 G . -8.19 20.42 14.81
O3 SO4 G . -6.17 19.73 15.87
O4 SO4 G . -7.64 21.20 17.01
#